data_9L4S
#
_entry.id   9L4S
#
_cell.length_a   56.940
_cell.length_b   91.120
_cell.length_c   58.180
_cell.angle_alpha   90.00
_cell.angle_beta   100.39
_cell.angle_gamma   90.00
#
_symmetry.space_group_name_H-M   'P 1 21 1'
#
loop_
_entity.id
_entity.type
_entity.pdbx_description
1 polymer 'ORF1ab polyprotein'
2 polymer 'Replicase polyprotein 1ab'
3 water water
#
loop_
_entity_poly.entity_id
_entity_poly.type
_entity_poly.pdbx_seq_one_letter_code
_entity_poly.pdbx_strand_id
1 'polypeptide(L)'
;MAGLRKMAQPSGVVEKCIVRVCYGNMALNGLWLGDTVMCPRHVIASSTTSTIDYDYALSVLRLHNFSISSGNVFLGVVGV
TMRGALLQIKVNQNNVHTPKYTYRTVRPGESFNILACYDGAAAGVYGVNMRSNYTIRGSFINGAAGSPGYNINNGTVEFC
YLHQLELGSGCHVGSDLDGVMYGGYEDQPTLQVEGASSLFTENVLAFLYAALINGSTWWLSSSRIAVDRFNEWAVHNGMT
TVVNTDCFSIFAAKTGVDVQRLLASIQSLHKNFGGKQILGYTSLTDEFTTGEVIRQMYGVLEHHHHHHHH
;
A,B
2 'polypeptide(L)' FYPQLQ C,D
#
# COMPACT_ATOMS: atom_id res chain seq x y z
N ALA A 2 3.71 15.67 -5.51
CA ALA A 2 4.84 15.37 -4.63
C ALA A 2 4.51 14.19 -3.73
N GLY A 3 5.56 13.63 -3.14
CA GLY A 3 5.50 12.51 -2.22
C GLY A 3 5.88 11.21 -2.92
N LEU A 4 6.20 10.20 -2.12
CA LEU A 4 6.48 8.90 -2.68
C LEU A 4 5.92 7.85 -1.74
N ARG A 5 5.09 6.96 -2.25
CA ARG A 5 4.55 5.88 -1.45
C ARG A 5 4.61 4.59 -2.24
N LYS A 6 4.92 3.50 -1.55
CA LYS A 6 4.67 2.18 -2.10
C LYS A 6 3.16 1.99 -2.23
N MET A 7 2.67 1.88 -3.45
CA MET A 7 1.23 1.72 -3.61
C MET A 7 0.96 0.53 -4.50
N ALA A 8 -0.30 0.11 -4.50
CA ALA A 8 -0.75 -0.99 -5.33
C ALA A 8 -1.62 -0.43 -6.44
N GLN A 9 -1.66 -1.14 -7.55
CA GLN A 9 -2.68 -0.85 -8.54
C GLN A 9 -4.03 -1.29 -7.98
N PRO A 10 -5.12 -0.69 -8.49
CA PRO A 10 -6.47 -1.02 -7.96
C PRO A 10 -6.77 -2.50 -8.14
N SER A 11 -7.46 -3.08 -7.16
CA SER A 11 -7.59 -4.53 -7.05
C SER A 11 -8.91 -5.06 -7.59
N GLY A 12 -9.84 -4.18 -8.02
CA GLY A 12 -11.21 -4.63 -8.29
C GLY A 12 -11.27 -5.78 -9.27
N VAL A 13 -10.47 -5.71 -10.34
CA VAL A 13 -10.51 -6.71 -11.39
C VAL A 13 -10.01 -8.09 -10.89
N VAL A 14 -9.15 -8.11 -9.87
CA VAL A 14 -8.66 -9.39 -9.34
C VAL A 14 -9.58 -9.96 -8.27
N GLU A 15 -10.26 -9.07 -7.52
CA GLU A 15 -11.05 -9.50 -6.37
C GLU A 15 -12.13 -10.50 -6.76
N LYS A 16 -12.74 -10.33 -7.92
CA LYS A 16 -13.76 -11.26 -8.36
C LYS A 16 -13.21 -12.59 -8.86
N CYS A 17 -11.92 -12.85 -8.79
CA CYS A 17 -11.34 -14.13 -9.20
C CYS A 17 -10.87 -14.98 -8.01
N ILE A 18 -11.08 -14.51 -6.78
CA ILE A 18 -10.58 -15.21 -5.59
C ILE A 18 -11.64 -16.20 -5.14
N VAL A 19 -11.22 -17.43 -4.85
CA VAL A 19 -12.16 -18.42 -4.34
C VAL A 19 -11.56 -19.06 -3.09
N ARG A 20 -12.43 -19.65 -2.30
CA ARG A 20 -12.03 -20.43 -1.13
C ARG A 20 -11.84 -21.86 -1.59
N VAL A 21 -10.72 -22.50 -1.20
CA VAL A 21 -10.45 -23.90 -1.56
C VAL A 21 -10.18 -24.67 -0.26
N CYS A 22 -11.07 -25.60 0.06
CA CYS A 22 -10.93 -26.41 1.27
C CYS A 22 -10.87 -27.88 0.88
N TYR A 23 -10.04 -28.63 1.60
CA TYR A 23 -9.95 -30.07 1.46
C TYR A 23 -9.46 -30.60 2.80
N GLY A 24 -10.27 -31.43 3.45
CA GLY A 24 -9.90 -31.94 4.77
C GLY A 24 -9.77 -30.83 5.78
N ASN A 25 -8.67 -30.84 6.53
CA ASN A 25 -8.39 -29.81 7.53
C ASN A 25 -7.67 -28.60 6.96
N MET A 26 -7.52 -28.52 5.64
CA MET A 26 -6.77 -27.46 4.98
C MET A 26 -7.70 -26.50 4.26
N ALA A 27 -7.37 -25.23 4.33
CA ALA A 27 -8.19 -24.19 3.71
C ALA A 27 -7.26 -23.09 3.25
N LEU A 28 -7.35 -22.73 1.99
CA LEU A 28 -6.57 -21.62 1.46
C LEU A 28 -7.36 -21.00 0.31
N ASN A 29 -6.68 -20.22 -0.50
CA ASN A 29 -7.31 -19.46 -1.57
C ASN A 29 -6.91 -20.02 -2.92
N GLY A 30 -7.78 -19.85 -3.91
CA GLY A 30 -7.47 -20.18 -5.27
C GLY A 30 -7.86 -19.04 -6.18
N LEU A 31 -7.39 -19.16 -7.42
CA LEU A 31 -7.62 -18.16 -8.46
C LEU A 31 -8.50 -18.79 -9.54
N TRP A 32 -9.71 -18.25 -9.72
CA TRP A 32 -10.72 -18.83 -10.61
C TRP A 32 -10.73 -18.03 -11.91
N LEU A 33 -10.13 -18.58 -12.96
CA LEU A 33 -10.09 -17.94 -14.26
C LEU A 33 -10.67 -18.89 -15.31
N GLY A 34 -11.62 -18.40 -16.11
CA GLY A 34 -12.34 -19.31 -17.00
C GLY A 34 -13.03 -20.39 -16.20
N ASP A 35 -12.83 -21.65 -16.56
CA ASP A 35 -13.41 -22.75 -15.80
C ASP A 35 -12.34 -23.56 -15.06
N THR A 36 -11.30 -22.90 -14.57
CA THR A 36 -10.21 -23.58 -13.84
C THR A 36 -9.90 -22.80 -12.57
N VAL A 37 -9.61 -23.52 -11.49
CA VAL A 37 -9.14 -22.94 -10.24
C VAL A 37 -7.71 -23.41 -10.02
N MET A 38 -6.79 -22.44 -9.84
CA MET A 38 -5.40 -22.69 -9.48
C MET A 38 -5.24 -22.48 -7.98
N CYS A 39 -4.66 -23.44 -7.30
CA CYS A 39 -4.35 -23.23 -5.89
C CYS A 39 -3.10 -24.01 -5.55
N PRO A 40 -2.40 -23.63 -4.47
CA PRO A 40 -1.23 -24.39 -4.02
C PRO A 40 -1.60 -25.84 -3.76
N ARG A 41 -0.74 -26.75 -4.21
CA ARG A 41 -1.05 -28.16 -4.10
C ARG A 41 -0.99 -28.66 -2.66
N HIS A 42 -0.38 -27.92 -1.72
CA HIS A 42 -0.38 -28.47 -0.36
C HIS A 42 -1.74 -28.42 0.34
N VAL A 43 -2.79 -27.89 -0.30
CA VAL A 43 -4.13 -28.03 0.24
C VAL A 43 -4.56 -29.49 0.30
N ILE A 44 -3.97 -30.37 -0.51
CA ILE A 44 -4.30 -31.79 -0.45
C ILE A 44 -3.31 -32.58 0.40
N ALA A 45 -2.36 -31.91 1.03
CA ALA A 45 -1.41 -32.56 1.92
C ALA A 45 -2.05 -32.83 3.27
N SER A 46 -1.90 -34.06 3.75
CA SER A 46 -2.50 -34.51 5.00
C SER A 46 -1.59 -34.36 6.21
N SER A 47 -0.36 -33.87 6.00
CA SER A 47 0.64 -33.78 7.05
C SER A 47 1.22 -32.38 7.04
N THR A 48 2.10 -32.10 8.03
CA THR A 48 2.79 -30.82 8.13
C THR A 48 4.25 -30.95 8.58
N THR A 49 4.82 -32.17 8.63
CA THR A 49 6.14 -32.28 9.26
C THR A 49 7.16 -33.08 8.45
N SER A 50 6.74 -34.11 7.72
CA SER A 50 7.67 -34.92 6.94
C SER A 50 7.41 -34.73 5.45
N THR A 51 8.40 -35.11 4.64
CA THR A 51 8.33 -34.93 3.19
C THR A 51 7.06 -35.52 2.60
N ILE A 52 6.37 -34.74 1.76
CA ILE A 52 5.07 -35.10 1.22
C ILE A 52 5.25 -35.72 -0.17
N ASP A 53 4.62 -36.87 -0.40
CA ASP A 53 4.53 -37.45 -1.73
C ASP A 53 3.24 -36.89 -2.35
N TYR A 54 3.37 -35.81 -3.12
CA TYR A 54 2.18 -35.15 -3.66
C TYR A 54 1.47 -36.03 -4.70
N ASP A 55 2.21 -36.85 -5.43
CA ASP A 55 1.60 -37.73 -6.42
C ASP A 55 0.74 -38.79 -5.75
N TYR A 56 1.20 -39.35 -4.64
CA TYR A 56 0.35 -40.21 -3.83
C TYR A 56 -0.90 -39.45 -3.39
N ALA A 57 -0.71 -38.29 -2.74
CA ALA A 57 -1.85 -37.48 -2.28
C ALA A 57 -2.87 -37.29 -3.38
N LEU A 58 -2.42 -36.90 -4.57
CA LEU A 58 -3.35 -36.71 -5.66
C LEU A 58 -3.99 -38.02 -6.13
N SER A 59 -3.29 -39.16 -5.95
CA SER A 59 -3.89 -40.43 -6.38
C SER A 59 -5.10 -40.80 -5.52
N VAL A 60 -5.00 -40.64 -4.19
CA VAL A 60 -6.08 -41.01 -3.27
C VAL A 60 -7.10 -39.88 -3.10
N LEU A 61 -6.99 -38.84 -3.91
CA LEU A 61 -7.85 -37.68 -3.76
C LEU A 61 -9.33 -38.04 -3.88
N ARG A 62 -10.14 -37.43 -3.03
CA ARG A 62 -11.59 -37.60 -3.03
C ARG A 62 -12.24 -36.33 -3.58
N LEU A 63 -12.61 -36.34 -4.87
CA LEU A 63 -13.08 -35.11 -5.54
C LEU A 63 -14.22 -34.44 -4.78
N HIS A 64 -15.13 -35.23 -4.22
CA HIS A 64 -16.27 -34.64 -3.52
C HIS A 64 -15.89 -34.07 -2.16
N ASN A 65 -14.69 -34.36 -1.66
CA ASN A 65 -14.23 -33.81 -0.39
C ASN A 65 -13.69 -32.40 -0.54
N PHE A 66 -13.65 -31.87 -1.76
CA PHE A 66 -13.34 -30.47 -2.03
C PHE A 66 -14.54 -29.61 -1.72
N SER A 67 -14.28 -28.42 -1.17
CA SER A 67 -15.27 -27.34 -1.16
C SER A 67 -14.58 -26.14 -1.77
N ILE A 68 -15.07 -25.72 -2.93
CA ILE A 68 -14.57 -24.52 -3.61
C ILE A 68 -15.73 -23.55 -3.70
N SER A 69 -15.57 -22.36 -3.14
CA SER A 69 -16.67 -21.41 -3.16
C SER A 69 -16.17 -20.00 -3.48
N SER A 70 -17.02 -19.27 -4.19
CA SER A 70 -16.85 -17.85 -4.48
C SER A 70 -17.99 -17.16 -3.76
N GLY A 71 -17.71 -16.59 -2.58
CA GLY A 71 -18.81 -16.06 -1.78
C GLY A 71 -19.60 -17.23 -1.24
N ASN A 72 -20.92 -17.22 -1.47
CA ASN A 72 -21.73 -18.37 -1.11
C ASN A 72 -22.08 -19.23 -2.31
N VAL A 73 -21.39 -19.05 -3.44
CA VAL A 73 -21.61 -19.86 -4.63
C VAL A 73 -20.59 -20.99 -4.64
N PHE A 74 -21.06 -22.22 -4.55
CA PHE A 74 -20.19 -23.39 -4.50
C PHE A 74 -19.95 -23.91 -5.91
N LEU A 75 -18.68 -24.22 -6.22
CA LEU A 75 -18.28 -24.68 -7.54
C LEU A 75 -18.09 -26.20 -7.51
N GLY A 76 -18.64 -26.88 -8.52
CA GLY A 76 -18.46 -28.32 -8.61
C GLY A 76 -17.13 -28.65 -9.28
N VAL A 77 -16.39 -29.59 -8.70
CA VAL A 77 -15.09 -30.02 -9.23
C VAL A 77 -15.27 -31.12 -10.28
N VAL A 78 -14.67 -30.92 -11.46
CA VAL A 78 -14.81 -31.84 -12.58
C VAL A 78 -13.56 -32.70 -12.69
N GLY A 79 -12.40 -32.15 -12.31
CA GLY A 79 -11.14 -32.89 -12.39
C GLY A 79 -10.00 -32.07 -11.80
N VAL A 80 -8.94 -32.76 -11.41
CA VAL A 80 -7.79 -32.11 -10.77
C VAL A 80 -6.51 -32.67 -11.39
N THR A 81 -5.61 -31.77 -11.80
CA THR A 81 -4.29 -32.15 -12.33
C THR A 81 -3.21 -31.37 -11.61
N MET A 82 -2.02 -31.94 -11.53
CA MET A 82 -0.88 -31.24 -10.89
C MET A 82 -0.19 -30.32 -11.91
N ARG A 83 0.14 -29.10 -11.49
CA ARG A 83 0.87 -28.14 -12.35
C ARG A 83 2.01 -27.61 -11.46
N GLY A 84 3.11 -28.35 -11.41
CA GLY A 84 4.21 -27.98 -10.51
C GLY A 84 3.76 -27.93 -9.07
N ALA A 85 3.95 -26.79 -8.42
CA ALA A 85 3.59 -26.61 -7.00
C ALA A 85 2.13 -26.17 -6.87
N LEU A 86 1.39 -26.27 -7.98
CA LEU A 86 -0.03 -25.85 -7.98
C LEU A 86 -0.94 -27.01 -8.38
N LEU A 87 -2.21 -26.89 -8.02
CA LEU A 87 -3.23 -27.84 -8.50
C LEU A 87 -4.05 -27.05 -9.52
N GLN A 88 -4.31 -27.62 -10.67
CA GLN A 88 -5.15 -26.98 -11.66
C GLN A 88 -6.47 -27.75 -11.62
N ILE A 89 -7.52 -27.09 -11.15
CA ILE A 89 -8.79 -27.75 -10.83
C ILE A 89 -9.82 -27.29 -11.85
N LYS A 90 -10.30 -28.23 -12.67
CA LYS A 90 -11.41 -27.94 -13.55
C LYS A 90 -12.69 -27.92 -12.73
N VAL A 91 -13.45 -26.84 -12.84
CA VAL A 91 -14.71 -26.72 -12.14
C VAL A 91 -15.81 -26.63 -13.18
N ASN A 92 -17.07 -26.74 -12.73
CA ASN A 92 -18.16 -26.89 -13.69
C ASN A 92 -18.74 -25.56 -14.17
N GLN A 93 -18.19 -24.42 -13.74
CA GLN A 93 -18.69 -23.11 -14.11
C GLN A 93 -17.57 -22.21 -14.59
N ASN A 94 -17.83 -21.43 -15.63
CA ASN A 94 -16.92 -20.36 -16.02
C ASN A 94 -17.11 -19.13 -15.14
N ASN A 95 -16.00 -18.53 -14.73
CA ASN A 95 -16.06 -17.26 -14.01
C ASN A 95 -16.36 -16.18 -15.04
N VAL A 96 -17.58 -15.64 -15.05
CA VAL A 96 -17.91 -14.69 -16.11
C VAL A 96 -17.25 -13.35 -15.92
N HIS A 97 -16.70 -13.09 -14.74
CA HIS A 97 -15.95 -11.87 -14.51
C HIS A 97 -14.45 -12.07 -14.72
N THR A 98 -14.04 -13.13 -15.40
CA THR A 98 -12.63 -13.33 -15.70
C THR A 98 -12.09 -12.14 -16.49
N PRO A 99 -11.05 -11.46 -16.01
CA PRO A 99 -10.44 -10.39 -16.81
C PRO A 99 -9.63 -10.96 -17.96
N LYS A 100 -9.34 -10.08 -18.91
CA LYS A 100 -8.27 -10.37 -19.86
C LYS A 100 -6.98 -10.54 -19.07
N TYR A 101 -6.26 -11.63 -19.28
CA TYR A 101 -5.11 -11.88 -18.43
C TYR A 101 -4.00 -12.61 -19.19
N THR A 102 -2.79 -12.50 -18.65
CA THR A 102 -1.62 -13.25 -19.05
C THR A 102 -0.92 -13.77 -17.79
N TYR A 103 0.04 -14.67 -17.99
CA TYR A 103 0.95 -15.14 -16.93
C TYR A 103 2.35 -14.62 -17.25
N ARG A 104 3.11 -14.23 -16.23
CA ARG A 104 4.50 -13.91 -16.49
C ARG A 104 5.32 -14.13 -15.25
N THR A 105 6.49 -14.71 -15.41
CA THR A 105 7.40 -14.93 -14.30
C THR A 105 8.21 -13.66 -14.09
N VAL A 106 8.14 -13.09 -12.89
CA VAL A 106 8.88 -11.87 -12.62
C VAL A 106 10.31 -12.20 -12.23
N ARG A 107 11.16 -11.22 -12.40
CA ARG A 107 12.58 -11.32 -12.13
C ARG A 107 12.93 -10.51 -10.90
N PRO A 108 14.03 -10.84 -10.21
CA PRO A 108 14.44 -10.05 -9.06
C PRO A 108 14.57 -8.57 -9.43
N GLY A 109 14.17 -7.72 -8.51
CA GLY A 109 14.13 -6.29 -8.74
C GLY A 109 12.79 -5.77 -9.23
N GLU A 110 11.94 -6.64 -9.78
CA GLU A 110 10.68 -6.18 -10.36
C GLU A 110 9.60 -6.05 -9.28
N SER A 111 8.73 -5.06 -9.44
CA SER A 111 7.66 -4.82 -8.48
C SER A 111 6.37 -5.45 -8.97
N PHE A 112 5.51 -5.83 -8.03
CA PHE A 112 4.17 -6.29 -8.37
C PHE A 112 3.26 -6.07 -7.14
N ASN A 113 1.99 -6.39 -7.33
CA ASN A 113 0.97 -6.17 -6.31
C ASN A 113 0.56 -7.48 -5.68
N ILE A 114 0.37 -7.48 -4.37
CA ILE A 114 -0.16 -8.63 -3.65
C ILE A 114 -1.57 -8.32 -3.22
N LEU A 115 -2.51 -9.20 -3.55
CA LEU A 115 -3.86 -9.17 -3.01
C LEU A 115 -3.90 -10.25 -1.93
N ALA A 116 -3.80 -9.83 -0.67
CA ALA A 116 -3.76 -10.76 0.44
C ALA A 116 -5.17 -11.25 0.72
N CYS A 117 -5.33 -12.58 0.79
CA CYS A 117 -6.65 -13.20 0.84
C CYS A 117 -6.70 -14.17 2.01
N TYR A 118 -7.89 -14.31 2.61
CA TYR A 118 -8.17 -15.26 3.68
C TYR A 118 -9.59 -15.76 3.49
N ASP A 119 -9.79 -17.07 3.66
CA ASP A 119 -11.14 -17.64 3.54
C ASP A 119 -11.74 -17.34 2.16
N GLY A 120 -10.89 -17.21 1.15
CA GLY A 120 -11.37 -16.94 -0.20
C GLY A 120 -11.88 -15.54 -0.46
N ALA A 121 -11.44 -14.56 0.31
CA ALA A 121 -11.87 -13.18 0.12
C ALA A 121 -10.67 -12.28 0.30
N ALA A 122 -10.52 -11.30 -0.60
CA ALA A 122 -9.42 -10.34 -0.46
C ALA A 122 -9.57 -9.53 0.82
N ALA A 123 -8.46 -9.36 1.53
CA ALA A 123 -8.44 -8.60 2.77
C ALA A 123 -7.60 -7.34 2.72
N GLY A 124 -6.55 -7.32 1.87
CA GLY A 124 -5.63 -6.20 1.82
C GLY A 124 -4.86 -6.25 0.52
N VAL A 125 -4.35 -5.10 0.11
CA VAL A 125 -3.56 -5.04 -1.11
C VAL A 125 -2.35 -4.14 -0.89
N TYR A 126 -1.18 -4.60 -1.33
CA TYR A 126 0.04 -3.84 -1.10
C TYR A 126 1.09 -4.21 -2.15
N GLY A 127 1.98 -3.27 -2.43
CA GLY A 127 3.03 -3.50 -3.40
C GLY A 127 4.22 -4.19 -2.78
N VAL A 128 4.88 -5.03 -3.58
CA VAL A 128 6.08 -5.74 -3.15
C VAL A 128 7.12 -5.65 -4.26
N ASN A 129 8.35 -6.07 -3.93
CA ASN A 129 9.42 -6.15 -4.90
C ASN A 129 10.19 -7.44 -4.67
N MET A 130 10.38 -8.21 -5.75
CA MET A 130 11.13 -9.47 -5.69
C MET A 130 12.59 -9.25 -5.31
N ARG A 131 13.00 -9.84 -4.19
CA ARG A 131 14.39 -9.69 -3.71
C ARG A 131 15.33 -10.61 -4.49
N SER A 132 16.65 -10.39 -4.32
CA SER A 132 17.63 -11.19 -5.06
C SER A 132 17.52 -12.67 -4.73
N ASN A 133 17.16 -13.02 -3.49
CA ASN A 133 16.96 -14.41 -3.11
C ASN A 133 15.54 -14.91 -3.37
N TYR A 134 14.81 -14.23 -4.26
CA TYR A 134 13.50 -14.70 -4.73
C TYR A 134 12.47 -14.83 -3.61
N THR A 135 12.56 -13.99 -2.59
CA THR A 135 11.53 -13.88 -1.56
C THR A 135 10.95 -12.47 -1.61
N ILE A 136 9.80 -12.28 -0.95
CA ILE A 136 9.20 -10.96 -0.86
C ILE A 136 8.97 -10.62 0.60
N ARG A 137 8.95 -9.33 0.89
CA ARG A 137 8.71 -8.80 2.23
C ARG A 137 7.21 -8.56 2.33
N GLY A 138 6.49 -9.62 2.70
CA GLY A 138 5.05 -9.59 2.72
C GLY A 138 4.50 -9.60 4.12
N SER A 139 3.19 -9.67 4.19
CA SER A 139 2.50 -9.82 5.47
C SER A 139 1.42 -10.86 5.21
N PHE A 140 1.71 -12.10 5.61
CA PHE A 140 0.84 -13.25 5.40
C PHE A 140 0.81 -14.09 6.66
N ILE A 141 -0.36 -14.59 7.02
CA ILE A 141 -0.46 -15.57 8.10
C ILE A 141 -1.12 -16.82 7.53
N ASN A 142 -1.39 -17.81 8.40
CA ASN A 142 -1.59 -19.19 7.95
C ASN A 142 -2.65 -19.33 6.85
N GLY A 143 -3.74 -18.59 6.91
CA GLY A 143 -4.73 -18.82 5.87
C GLY A 143 -4.44 -18.26 4.48
N ALA A 144 -3.24 -17.73 4.25
CA ALA A 144 -3.01 -16.84 3.13
C ALA A 144 -2.49 -17.51 1.85
N ALA A 145 -2.15 -18.79 1.88
CA ALA A 145 -1.66 -19.41 0.65
C ALA A 145 -2.69 -19.27 -0.47
N GLY A 146 -2.21 -19.12 -1.69
CA GLY A 146 -3.05 -18.89 -2.84
C GLY A 146 -3.34 -17.42 -3.11
N SER A 147 -2.99 -16.51 -2.19
CA SER A 147 -3.09 -15.09 -2.47
C SER A 147 -2.31 -14.76 -3.75
N PRO A 148 -2.88 -14.03 -4.69
CA PRO A 148 -2.17 -13.78 -5.95
C PRO A 148 -1.37 -12.47 -5.96
N GLY A 149 -0.30 -12.50 -6.73
CA GLY A 149 0.44 -11.30 -7.10
C GLY A 149 0.15 -10.98 -8.55
N TYR A 150 0.10 -9.69 -8.88
CA TYR A 150 -0.38 -9.30 -10.20
C TYR A 150 0.18 -7.93 -10.54
N ASN A 151 0.21 -7.64 -11.84
CA ASN A 151 0.35 -6.29 -12.35
C ASN A 151 -0.80 -6.06 -13.32
N ILE A 152 -1.15 -4.80 -13.53
CA ILE A 152 -2.15 -4.42 -14.50
C ILE A 152 -1.52 -3.52 -15.54
N ASN A 153 -1.53 -3.96 -16.79
CA ASN A 153 -0.99 -3.20 -17.90
C ASN A 153 -2.06 -3.11 -18.97
N ASN A 154 -2.59 -1.90 -19.18
CA ASN A 154 -3.46 -1.64 -20.32
C ASN A 154 -4.71 -2.50 -20.27
N GLY A 155 -5.31 -2.60 -19.08
CA GLY A 155 -6.47 -3.45 -18.87
C GLY A 155 -6.22 -4.94 -18.84
N THR A 156 -5.00 -5.40 -19.11
CA THR A 156 -4.66 -6.82 -19.00
C THR A 156 -4.04 -7.07 -17.62
N VAL A 157 -4.53 -8.11 -16.93
CA VAL A 157 -3.93 -8.53 -15.67
C VAL A 157 -2.85 -9.54 -15.98
N GLU A 158 -1.65 -9.26 -15.52
CA GLU A 158 -0.53 -10.18 -15.65
C GLU A 158 -0.31 -10.83 -14.29
N PHE A 159 -0.73 -12.09 -14.16
CA PHE A 159 -0.53 -12.82 -12.90
C PHE A 159 0.88 -13.37 -12.83
N CYS A 160 1.55 -13.13 -11.70
CA CYS A 160 2.94 -13.54 -11.57
C CYS A 160 3.26 -14.30 -10.30
N TYR A 161 2.31 -14.49 -9.40
CA TYR A 161 2.65 -14.98 -8.07
C TYR A 161 1.42 -15.63 -7.48
N LEU A 162 1.62 -16.75 -6.79
CA LEU A 162 0.58 -17.32 -5.95
C LEU A 162 1.27 -17.72 -4.65
N HIS A 163 0.79 -17.20 -3.52
CA HIS A 163 1.54 -17.36 -2.29
C HIS A 163 1.61 -18.81 -1.84
N GLN A 164 2.79 -19.24 -1.39
CA GLN A 164 2.99 -20.64 -0.99
C GLN A 164 3.40 -20.78 0.47
N LEU A 165 4.47 -20.11 0.91
CA LEU A 165 5.04 -20.46 2.21
C LEU A 165 5.81 -19.29 2.78
N GLU A 166 6.11 -19.41 4.07
CA GLU A 166 6.93 -18.46 4.81
C GLU A 166 8.23 -19.16 5.19
N LEU A 167 9.36 -18.51 4.92
CA LEU A 167 10.70 -19.06 5.17
C LEU A 167 11.32 -18.62 6.48
N GLY A 168 11.14 -17.35 6.83
CA GLY A 168 11.70 -16.74 8.02
C GLY A 168 10.73 -15.65 8.41
N SER A 169 11.09 -14.91 9.45
CA SER A 169 10.22 -13.83 9.86
C SER A 169 10.03 -12.85 8.72
N GLY A 170 8.77 -12.61 8.35
CA GLY A 170 8.46 -11.71 7.25
C GLY A 170 9.09 -12.06 5.92
N CYS A 171 9.39 -13.35 5.70
CA CYS A 171 10.07 -13.83 4.49
C CYS A 171 9.21 -14.82 3.72
N HIS A 172 8.73 -14.42 2.54
CA HIS A 172 7.66 -15.15 1.88
C HIS A 172 8.04 -15.58 0.48
N VAL A 173 7.57 -16.77 0.12
CA VAL A 173 7.90 -17.41 -1.15
C VAL A 173 6.59 -17.86 -1.82
N GLY A 174 6.52 -17.66 -3.14
CA GLY A 174 5.40 -18.15 -3.92
C GLY A 174 5.89 -18.90 -5.14
N SER A 175 4.93 -19.31 -5.97
CA SER A 175 5.24 -19.88 -7.27
C SER A 175 4.72 -18.96 -8.35
N ASP A 176 5.25 -19.08 -9.56
CA ASP A 176 4.52 -18.42 -10.62
C ASP A 176 3.30 -19.27 -10.96
N LEU A 177 2.53 -18.81 -11.92
CA LEU A 177 1.29 -19.48 -12.28
C LEU A 177 1.54 -20.68 -13.19
N ASP A 178 2.77 -20.88 -13.67
CA ASP A 178 3.15 -22.15 -14.28
C ASP A 178 3.33 -23.25 -13.25
N GLY A 179 3.38 -22.91 -11.96
CA GLY A 179 3.71 -23.85 -10.91
C GLY A 179 5.19 -23.95 -10.57
N VAL A 180 6.02 -23.08 -11.10
CA VAL A 180 7.45 -23.07 -10.80
C VAL A 180 7.69 -22.20 -9.56
N MET A 181 8.17 -22.81 -8.48
CA MET A 181 8.45 -22.05 -7.28
C MET A 181 9.57 -21.04 -7.50
N TYR A 182 9.35 -19.80 -7.09
CA TYR A 182 10.41 -18.81 -7.18
C TYR A 182 11.60 -19.23 -6.34
N GLY A 183 12.80 -19.02 -6.87
CA GLY A 183 14.01 -19.33 -6.15
C GLY A 183 14.29 -20.82 -5.98
N GLY A 184 13.48 -21.69 -6.56
CA GLY A 184 13.69 -23.11 -6.41
C GLY A 184 13.41 -23.68 -5.02
N TYR A 185 12.87 -22.89 -4.10
CA TYR A 185 12.46 -23.43 -2.80
C TYR A 185 11.43 -24.55 -3.01
N GLU A 186 11.36 -25.47 -2.05
CA GLU A 186 10.41 -26.58 -2.12
C GLU A 186 9.23 -26.37 -1.19
N ASP A 187 8.04 -26.72 -1.68
CA ASP A 187 6.81 -26.71 -0.88
C ASP A 187 6.74 -27.98 -0.03
N GLN A 188 7.80 -28.13 0.77
CA GLN A 188 7.91 -29.29 1.67
C GLN A 188 8.17 -28.73 3.07
N PRO A 189 7.75 -29.40 4.16
CA PRO A 189 7.94 -28.85 5.49
C PRO A 189 9.29 -29.24 6.04
N THR A 190 10.33 -29.17 5.22
CA THR A 190 11.66 -29.60 5.62
C THR A 190 12.60 -28.42 5.65
N LEU A 191 13.63 -28.45 6.49
CA LEU A 191 14.56 -27.30 6.67
C LEU A 191 15.06 -26.69 5.36
N GLN A 192 14.85 -25.38 5.18
CA GLN A 192 15.38 -24.63 4.01
C GLN A 192 15.66 -23.19 4.49
N VAL A 193 16.79 -22.62 4.07
CA VAL A 193 17.09 -21.21 4.46
C VAL A 193 17.25 -20.36 3.20
N GLU A 194 16.65 -19.17 3.18
CA GLU A 194 16.88 -18.27 2.07
C GLU A 194 18.33 -17.81 2.01
N GLY A 195 18.82 -17.66 0.78
CA GLY A 195 20.18 -17.18 0.58
C GLY A 195 20.31 -15.72 0.91
N ALA A 196 21.55 -15.25 0.95
CA ALA A 196 21.80 -13.84 1.23
C ALA A 196 21.06 -12.97 0.22
N SER A 197 20.56 -11.84 0.69
CA SER A 197 19.91 -10.87 -0.17
C SER A 197 20.86 -9.70 -0.38
N SER A 198 20.82 -9.13 -1.58
CA SER A 198 21.55 -7.92 -1.92
C SER A 198 20.57 -6.82 -2.28
N LEU A 199 20.84 -5.60 -1.79
CA LEU A 199 20.07 -4.45 -2.25
C LEU A 199 20.21 -4.30 -3.75
N PHE A 200 19.08 -4.12 -4.42
CA PHE A 200 19.07 -3.92 -5.87
C PHE A 200 19.42 -2.45 -6.14
N THR A 201 20.64 -2.21 -6.64
CA THR A 201 21.18 -0.85 -6.69
C THR A 201 20.38 0.05 -7.62
N GLU A 202 19.93 -0.49 -8.76
CA GLU A 202 19.20 0.36 -9.69
C GLU A 202 17.89 0.85 -9.08
N ASN A 203 17.31 0.08 -8.16
CA ASN A 203 16.15 0.57 -7.42
C ASN A 203 16.54 1.62 -6.39
N VAL A 204 17.68 1.46 -5.74
CA VAL A 204 18.15 2.48 -4.80
C VAL A 204 18.37 3.80 -5.51
N LEU A 205 18.87 3.75 -6.74
CA LEU A 205 19.03 4.96 -7.54
C LEU A 205 17.68 5.63 -7.81
N ALA A 206 16.69 4.85 -8.22
CA ALA A 206 15.36 5.41 -8.44
C ALA A 206 14.82 6.06 -7.18
N PHE A 207 15.08 5.48 -6.01
CA PHE A 207 14.61 6.08 -4.78
C PHE A 207 15.28 7.43 -4.53
N LEU A 208 16.58 7.52 -4.79
CA LEU A 208 17.31 8.75 -4.55
C LEU A 208 16.94 9.84 -5.55
N TYR A 209 16.67 9.46 -6.80
CA TYR A 209 16.15 10.44 -7.76
C TYR A 209 14.78 10.95 -7.33
N ALA A 210 13.94 10.05 -6.80
CA ALA A 210 12.64 10.49 -6.30
C ALA A 210 12.83 11.48 -5.18
N ALA A 211 13.84 11.25 -4.32
CA ALA A 211 14.14 12.16 -3.23
C ALA A 211 14.57 13.53 -3.75
N LEU A 212 15.38 13.55 -4.82
CA LEU A 212 15.78 14.82 -5.41
C LEU A 212 14.58 15.58 -5.96
N ILE A 213 13.75 14.90 -6.75
CA ILE A 213 12.53 15.49 -7.29
C ILE A 213 11.64 16.04 -6.19
N ASN A 214 11.69 15.43 -5.00
CA ASN A 214 10.91 15.87 -3.86
C ASN A 214 11.66 16.87 -2.98
N GLY A 215 12.77 17.41 -3.45
CA GLY A 215 13.46 18.48 -2.74
C GLY A 215 14.44 18.03 -1.68
N SER A 216 14.66 16.72 -1.52
CA SER A 216 15.56 16.21 -0.49
C SER A 216 16.97 16.09 -1.08
N THR A 217 17.90 16.94 -0.60
CA THR A 217 19.22 17.08 -1.21
C THR A 217 20.40 17.10 -0.23
N TRP A 218 20.15 17.03 1.06
CA TRP A 218 21.23 17.11 2.08
C TRP A 218 22.28 16.02 1.89
N TRP A 219 21.89 14.91 1.28
CA TRP A 219 22.78 13.73 1.16
C TRP A 219 23.53 13.73 -0.16
N LEU A 220 23.21 14.64 -1.07
CA LEU A 220 23.80 14.57 -2.43
C LEU A 220 25.31 14.81 -2.34
N SER A 221 26.06 13.85 -2.86
CA SER A 221 27.53 13.97 -2.88
C SER A 221 27.95 15.08 -3.84
N SER A 222 28.96 15.86 -3.49
CA SER A 222 29.52 16.77 -4.50
C SER A 222 30.48 15.88 -5.28
N SER A 223 30.96 14.84 -4.61
CA SER A 223 31.93 13.88 -5.21
C SER A 223 31.23 12.89 -6.13
N ARG A 224 32.02 12.12 -6.87
CA ARG A 224 31.44 11.17 -7.86
C ARG A 224 32.24 9.86 -7.81
N ILE A 225 31.67 8.78 -8.33
CA ILE A 225 32.40 7.48 -8.40
C ILE A 225 31.91 6.75 -9.65
N ALA A 226 32.84 6.19 -10.41
CA ALA A 226 32.47 5.53 -11.68
C ALA A 226 31.82 4.18 -11.41
N VAL A 227 30.98 3.74 -12.33
CA VAL A 227 30.23 2.47 -12.15
C VAL A 227 31.19 1.35 -11.73
N ASP A 228 32.32 1.23 -12.42
CA ASP A 228 33.24 0.10 -12.14
C ASP A 228 33.73 0.19 -10.70
N ARG A 229 34.24 1.35 -10.29
CA ARG A 229 34.77 1.48 -8.92
C ARG A 229 33.63 1.15 -7.96
N PHE A 230 32.42 1.58 -8.30
CA PHE A 230 31.27 1.24 -7.47
C PHE A 230 31.02 -0.26 -7.48
N ASN A 231 31.04 -0.87 -8.68
CA ASN A 231 30.74 -2.30 -8.80
C ASN A 231 31.72 -3.17 -8.00
N GLU A 232 32.97 -2.75 -7.85
CA GLU A 232 33.87 -3.51 -6.99
C GLU A 232 33.51 -3.35 -5.51
N TRP A 233 33.07 -2.15 -5.11
CA TRP A 233 32.66 -1.92 -3.74
C TRP A 233 31.35 -2.63 -3.39
N ALA A 234 30.44 -2.76 -4.38
CA ALA A 234 29.11 -3.30 -4.11
C ALA A 234 29.17 -4.76 -3.69
N VAL A 235 30.00 -5.57 -4.37
CA VAL A 235 30.02 -7.00 -4.09
C VAL A 235 30.60 -7.32 -2.72
N HIS A 236 31.22 -6.35 -2.03
CA HIS A 236 31.65 -6.52 -0.65
C HIS A 236 30.71 -5.90 0.35
N ASN A 237 29.62 -5.24 -0.10
CA ASN A 237 28.80 -4.49 0.82
C ASN A 237 27.30 -4.73 0.58
N GLY A 238 26.94 -5.93 0.16
CA GLY A 238 25.54 -6.32 0.09
C GLY A 238 24.70 -5.53 -0.89
N MET A 239 25.27 -5.14 -2.02
CA MET A 239 24.52 -4.42 -3.03
C MET A 239 24.84 -5.04 -4.39
N THR A 240 23.87 -4.97 -5.30
CA THR A 240 24.08 -5.48 -6.65
C THR A 240 24.89 -4.50 -7.46
N THR A 241 25.48 -5.01 -8.55
CA THR A 241 26.28 -4.19 -9.43
C THR A 241 25.39 -3.43 -10.40
N VAL A 242 25.85 -2.25 -10.80
CA VAL A 242 25.16 -1.45 -11.81
C VAL A 242 25.70 -1.85 -13.17
N VAL A 243 24.78 -2.27 -14.05
CA VAL A 243 25.15 -2.74 -15.38
C VAL A 243 25.01 -1.65 -16.43
N ASN A 244 23.86 -0.97 -16.47
CA ASN A 244 23.63 0.09 -17.44
C ASN A 244 22.95 1.28 -16.77
N THR A 245 23.34 2.48 -17.20
CA THR A 245 22.94 3.71 -16.54
C THR A 245 21.98 4.57 -17.36
N ASP A 246 21.70 4.21 -18.60
CA ASP A 246 21.02 5.14 -19.49
C ASP A 246 19.49 5.13 -19.34
N CYS A 247 18.95 4.24 -18.50
CA CYS A 247 17.56 4.35 -18.08
C CYS A 247 17.36 5.42 -17.01
N PHE A 248 18.46 5.94 -16.47
CA PHE A 248 18.44 7.09 -15.59
C PHE A 248 18.67 8.39 -16.35
N SER A 249 18.67 8.34 -17.68
CA SER A 249 18.91 9.53 -18.48
C SER A 249 17.80 10.56 -18.27
N ILE A 250 16.54 10.10 -18.26
CA ILE A 250 15.45 11.05 -18.07
C ILE A 250 15.45 11.60 -16.64
N PHE A 251 15.95 10.83 -15.69
CA PHE A 251 16.10 11.32 -14.32
C PHE A 251 17.23 12.35 -14.25
N ALA A 252 18.38 12.03 -14.83
CA ALA A 252 19.48 12.97 -14.89
C ALA A 252 19.06 14.25 -15.56
N ALA A 253 18.23 14.15 -16.61
CA ALA A 253 17.83 15.33 -17.37
C ALA A 253 16.87 16.22 -16.59
N LYS A 254 16.08 15.66 -15.68
CA LYS A 254 15.10 16.47 -15.01
C LYS A 254 15.52 16.92 -13.62
N THR A 255 16.55 16.31 -13.05
CA THR A 255 17.18 16.81 -11.83
C THR A 255 18.47 17.56 -12.10
N GLY A 256 19.17 17.26 -13.19
CA GLY A 256 20.52 17.75 -13.37
C GLY A 256 21.58 16.99 -12.60
N VAL A 257 21.25 15.85 -12.00
CA VAL A 257 22.20 15.09 -11.20
C VAL A 257 22.50 13.78 -11.91
N ASP A 258 23.77 13.49 -12.09
CA ASP A 258 24.10 12.27 -12.82
C ASP A 258 24.28 11.09 -11.88
N VAL A 259 24.14 9.89 -12.46
CA VAL A 259 24.20 8.63 -11.71
C VAL A 259 25.44 8.57 -10.86
N GLN A 260 26.59 8.93 -11.45
CA GLN A 260 27.87 8.78 -10.79
C GLN A 260 27.93 9.55 -9.47
N ARG A 261 27.18 10.64 -9.37
CA ARG A 261 27.12 11.42 -8.15
C ARG A 261 26.27 10.73 -7.09
N LEU A 262 25.18 10.07 -7.52
CA LEU A 262 24.35 9.31 -6.59
C LEU A 262 25.04 8.03 -6.14
N LEU A 263 25.82 7.41 -7.03
CA LEU A 263 26.59 6.23 -6.62
C LEU A 263 27.48 6.55 -5.44
N ALA A 264 28.06 7.76 -5.43
CA ALA A 264 28.88 8.18 -4.30
C ALA A 264 28.03 8.44 -3.06
N SER A 265 26.81 8.93 -3.23
CA SER A 265 25.97 9.14 -2.05
C SER A 265 25.60 7.80 -1.42
N ILE A 266 25.26 6.82 -2.26
CA ILE A 266 24.95 5.46 -1.82
C ILE A 266 26.05 4.93 -0.91
N GLN A 267 27.30 5.13 -1.32
CA GLN A 267 28.43 4.65 -0.53
C GLN A 267 28.40 5.25 0.86
N SER A 268 28.28 6.57 0.95
CA SER A 268 28.31 7.22 2.25
C SER A 268 27.02 7.03 3.02
N LEU A 269 25.95 6.62 2.36
CA LEU A 269 24.66 6.39 3.02
C LEU A 269 24.47 4.93 3.40
N HIS A 270 25.36 4.04 2.96
CA HIS A 270 25.14 2.61 3.10
C HIS A 270 24.92 2.20 4.55
N LYS A 271 25.78 2.66 5.46
CA LYS A 271 25.65 2.33 6.88
C LYS A 271 25.54 3.58 7.75
N ASN A 272 24.99 4.67 7.20
CA ASN A 272 24.91 5.91 7.96
C ASN A 272 23.98 6.93 7.32
N PHE A 273 22.76 7.06 7.85
CA PHE A 273 21.99 8.27 7.58
C PHE A 273 22.30 9.37 8.60
N GLY A 274 23.11 9.07 9.60
CA GLY A 274 23.58 10.06 10.56
C GLY A 274 22.47 10.70 11.36
N GLY A 275 21.34 10.02 11.52
CA GLY A 275 20.24 10.55 12.28
C GLY A 275 19.31 11.44 11.51
N LYS A 276 19.43 11.46 10.18
CA LYS A 276 18.55 12.23 9.30
C LYS A 276 17.66 11.26 8.53
N GLN A 277 16.72 11.80 7.75
CA GLN A 277 15.84 10.95 6.97
C GLN A 277 15.80 11.41 5.53
N ILE A 278 15.53 10.46 4.63
CA ILE A 278 15.27 10.72 3.22
C ILE A 278 13.86 10.24 2.95
N LEU A 279 12.93 11.17 2.73
CA LEU A 279 11.53 10.81 2.45
C LEU A 279 11.00 9.87 3.53
N GLY A 280 11.33 10.18 4.78
CA GLY A 280 10.92 9.39 5.92
C GLY A 280 11.74 8.15 6.21
N TYR A 281 12.62 7.75 5.28
CA TYR A 281 13.42 6.53 5.46
C TYR A 281 14.72 6.84 6.21
N THR A 282 15.15 5.85 6.98
CA THR A 282 16.35 5.87 7.80
C THR A 282 17.45 4.94 7.29
N SER A 283 17.10 4.02 6.40
CA SER A 283 18.03 3.16 5.66
C SER A 283 17.70 3.28 4.17
N LEU A 284 18.65 2.87 3.34
CA LEU A 284 18.37 2.80 1.91
C LEU A 284 17.31 1.75 1.65
N THR A 285 16.42 2.01 0.70
CA THR A 285 15.40 1.06 0.31
C THR A 285 15.55 0.75 -1.17
N ASP A 286 15.30 -0.51 -1.54
CA ASP A 286 15.33 -0.90 -2.94
C ASP A 286 13.96 -1.39 -3.42
N GLU A 287 12.88 -0.90 -2.83
CA GLU A 287 11.57 -1.43 -3.20
C GLU A 287 10.90 -0.65 -4.33
N PHE A 288 11.46 0.48 -4.75
CA PHE A 288 10.91 1.30 -5.82
C PHE A 288 11.72 1.08 -7.10
N THR A 289 11.03 0.82 -8.20
CA THR A 289 11.67 0.71 -9.50
C THR A 289 11.62 2.05 -10.20
N THR A 290 12.48 2.21 -11.22
CA THR A 290 12.41 3.42 -12.03
C THR A 290 11.00 3.63 -12.52
N GLY A 291 10.33 2.55 -12.95
CA GLY A 291 9.00 2.69 -13.52
C GLY A 291 7.99 3.25 -12.55
N GLU A 292 7.97 2.72 -11.32
CA GLU A 292 7.08 3.24 -10.28
C GLU A 292 7.35 4.72 -10.01
N VAL A 293 8.63 5.09 -9.87
CA VAL A 293 8.96 6.48 -9.60
C VAL A 293 8.43 7.40 -10.70
N ILE A 294 8.71 7.07 -11.97
CA ILE A 294 8.21 7.88 -13.09
C ILE A 294 6.70 8.09 -12.97
N ARG A 295 5.95 7.02 -12.72
CA ARG A 295 4.50 7.16 -12.69
C ARG A 295 4.06 8.04 -11.52
N GLN A 296 4.70 7.94 -10.37
CA GLN A 296 4.28 8.79 -9.26
C GLN A 296 4.75 10.22 -9.39
N MET A 297 5.87 10.47 -10.09
CA MET A 297 6.33 11.85 -10.19
C MET A 297 5.74 12.58 -11.38
N TYR A 298 5.26 11.86 -12.39
CA TYR A 298 4.85 12.48 -13.65
C TYR A 298 3.62 11.84 -14.29
N GLY A 299 3.19 10.66 -13.86
CA GLY A 299 2.02 10.01 -14.42
C GLY A 299 2.19 9.35 -15.78
N ALA B 2 3.58 -13.98 9.71
CA ALA B 2 4.56 -13.02 10.20
C ALA B 2 4.71 -11.88 9.20
N GLY B 3 5.30 -10.78 9.65
CA GLY B 3 5.51 -9.64 8.79
C GLY B 3 4.52 -8.52 9.10
N LEU B 4 4.91 -7.31 8.75
CA LEU B 4 4.05 -6.14 8.96
C LEU B 4 4.20 -5.23 7.75
N ARG B 5 3.08 -4.95 7.08
CA ARG B 5 3.07 -4.10 5.90
C ARG B 5 1.91 -3.13 6.01
N LYS B 6 2.15 -1.88 5.64
CA LYS B 6 1.04 -0.95 5.48
C LYS B 6 0.23 -1.35 4.25
N MET B 7 -1.00 -1.77 4.48
CA MET B 7 -1.87 -2.31 3.45
C MET B 7 -3.00 -1.32 3.19
N ALA B 8 -3.59 -1.42 2.00
CA ALA B 8 -4.89 -0.84 1.74
C ALA B 8 -5.95 -1.94 1.82
N GLN B 9 -7.17 -1.57 2.18
CA GLN B 9 -8.29 -2.48 1.96
C GLN B 9 -8.63 -2.54 0.48
N PRO B 10 -9.15 -3.66 0.01
CA PRO B 10 -9.37 -3.81 -1.43
C PRO B 10 -10.29 -2.73 -1.95
N SER B 11 -10.00 -2.24 -3.16
CA SER B 11 -10.65 -1.02 -3.63
C SER B 11 -11.83 -1.25 -4.59
N GLY B 12 -12.16 -2.51 -4.90
CA GLY B 12 -13.15 -2.77 -5.97
C GLY B 12 -14.45 -1.99 -5.79
N VAL B 13 -15.02 -2.02 -4.60
CA VAL B 13 -16.32 -1.37 -4.36
C VAL B 13 -16.27 0.14 -4.55
N VAL B 14 -15.10 0.76 -4.41
CA VAL B 14 -14.98 2.20 -4.59
C VAL B 14 -14.65 2.58 -6.03
N GLU B 15 -13.92 1.72 -6.75
CA GLU B 15 -13.49 2.02 -8.12
C GLU B 15 -14.68 2.38 -9.01
N LYS B 16 -15.83 1.73 -8.82
CA LYS B 16 -16.98 1.96 -9.67
C LYS B 16 -17.75 3.23 -9.35
N CYS B 17 -17.22 4.05 -8.44
CA CYS B 17 -17.85 5.29 -8.05
C CYS B 17 -17.06 6.50 -8.50
N ILE B 18 -15.97 6.31 -9.20
CA ILE B 18 -15.13 7.42 -9.60
C ILE B 18 -15.61 7.96 -10.94
N VAL B 19 -15.68 9.29 -11.06
CA VAL B 19 -16.05 9.92 -12.32
C VAL B 19 -15.07 11.04 -12.58
N ARG B 20 -15.00 11.43 -13.85
CA ARG B 20 -14.19 12.56 -14.25
C ARG B 20 -15.11 13.78 -14.31
N VAL B 21 -14.70 14.87 -13.66
CA VAL B 21 -15.50 16.09 -13.61
C VAL B 21 -14.68 17.22 -14.23
N CYS B 22 -15.17 17.73 -15.35
CA CYS B 22 -14.57 18.82 -16.10
C CYS B 22 -15.47 20.04 -16.06
N TYR B 23 -14.85 21.22 -15.91
CA TYR B 23 -15.54 22.50 -16.06
C TYR B 23 -14.52 23.50 -16.58
N GLY B 24 -14.77 24.05 -17.77
CA GLY B 24 -13.77 24.92 -18.38
C GLY B 24 -12.54 24.10 -18.71
N ASN B 25 -11.38 24.59 -18.29
CA ASN B 25 -10.14 23.85 -18.47
C ASN B 25 -9.62 23.32 -17.14
N MET B 26 -10.52 23.10 -16.19
CA MET B 26 -10.24 22.39 -14.95
C MET B 26 -10.78 20.98 -15.12
N ALA B 27 -9.98 19.99 -14.73
CA ALA B 27 -10.45 18.61 -14.71
C ALA B 27 -9.97 17.97 -13.42
N LEU B 28 -10.87 17.32 -12.71
CA LEU B 28 -10.49 16.57 -11.52
C LEU B 28 -11.43 15.38 -11.40
N ASN B 29 -11.47 14.78 -10.22
CA ASN B 29 -12.23 13.57 -9.98
C ASN B 29 -13.42 13.86 -9.07
N GLY B 30 -14.48 13.08 -9.25
CA GLY B 30 -15.65 13.18 -8.41
C GLY B 30 -16.03 11.79 -7.92
N LEU B 31 -16.90 11.78 -6.90
CA LEU B 31 -17.37 10.56 -6.27
C LEU B 31 -18.87 10.46 -6.54
N TRP B 32 -19.26 9.48 -7.35
CA TRP B 32 -20.62 9.34 -7.85
C TRP B 32 -21.35 8.31 -7.00
N LEU B 33 -22.26 8.78 -6.15
CA LEU B 33 -23.07 7.92 -5.29
C LEU B 33 -24.53 8.27 -5.50
N GLY B 34 -25.37 7.24 -5.67
CA GLY B 34 -26.77 7.55 -5.97
C GLY B 34 -26.84 8.41 -7.23
N ASP B 35 -27.55 9.52 -7.14
CA ASP B 35 -27.65 10.45 -8.27
C ASP B 35 -26.91 11.76 -8.01
N THR B 36 -25.89 11.74 -7.15
CA THR B 36 -25.12 12.95 -6.90
C THR B 36 -23.64 12.68 -7.12
N VAL B 37 -22.92 13.71 -7.54
CA VAL B 37 -21.49 13.64 -7.68
C VAL B 37 -20.87 14.71 -6.78
N MET B 38 -19.97 14.28 -5.90
CA MET B 38 -19.30 15.17 -4.97
C MET B 38 -17.92 15.45 -5.54
N CYS B 39 -17.47 16.70 -5.51
CA CYS B 39 -16.13 16.99 -6.00
C CYS B 39 -15.65 18.30 -5.38
N PRO B 40 -14.34 18.53 -5.36
CA PRO B 40 -13.81 19.80 -4.81
C PRO B 40 -14.33 20.98 -5.61
N ARG B 41 -14.69 22.05 -4.89
CA ARG B 41 -15.31 23.19 -5.55
C ARG B 41 -14.33 23.98 -6.42
N HIS B 42 -13.02 23.77 -6.28
CA HIS B 42 -12.14 24.59 -7.11
C HIS B 42 -12.15 24.17 -8.57
N VAL B 43 -12.93 23.15 -8.94
CA VAL B 43 -13.12 22.85 -10.36
C VAL B 43 -13.85 23.99 -11.07
N ILE B 44 -14.61 24.82 -10.34
CA ILE B 44 -15.32 25.93 -10.98
C ILE B 44 -14.59 27.25 -10.82
N ALA B 45 -13.42 27.27 -10.18
CA ALA B 45 -12.68 28.52 -9.98
C ALA B 45 -12.02 28.94 -11.28
N SER B 46 -12.02 30.26 -11.53
CA SER B 46 -11.45 30.78 -12.77
C SER B 46 -10.25 31.67 -12.48
N SER B 47 -9.20 31.08 -11.91
CA SER B 47 -7.94 31.74 -11.56
C SER B 47 -7.10 30.68 -10.87
N THR B 48 -5.78 30.92 -10.79
CA THR B 48 -4.90 30.02 -10.06
C THR B 48 -3.89 30.75 -9.17
N THR B 49 -4.09 32.05 -8.88
CA THR B 49 -3.20 32.79 -7.99
C THR B 49 -3.89 33.74 -7.02
N SER B 50 -5.06 34.29 -7.36
CA SER B 50 -5.74 35.28 -6.54
C SER B 50 -6.76 34.60 -5.61
N THR B 51 -7.13 35.31 -4.54
CA THR B 51 -8.17 34.80 -3.64
C THR B 51 -9.47 34.57 -4.40
N ILE B 52 -10.05 33.37 -4.26
CA ILE B 52 -11.22 32.97 -5.05
C ILE B 52 -12.48 33.27 -4.26
N ASP B 53 -13.47 33.88 -4.92
CA ASP B 53 -14.80 34.06 -4.37
C ASP B 53 -15.63 32.94 -4.98
N TYR B 54 -15.76 31.84 -4.24
CA TYR B 54 -16.46 30.70 -4.80
C TYR B 54 -17.95 30.98 -4.97
N ASP B 55 -18.49 31.88 -4.16
CA ASP B 55 -19.91 32.15 -4.29
C ASP B 55 -20.17 32.88 -5.60
N TYR B 56 -19.29 33.82 -5.95
CA TYR B 56 -19.36 34.44 -7.26
C TYR B 56 -19.21 33.41 -8.37
N ALA B 57 -18.22 32.52 -8.25
CA ALA B 57 -17.96 31.51 -9.27
C ALA B 57 -19.19 30.63 -9.50
N LEU B 58 -19.92 30.30 -8.42
CA LEU B 58 -21.13 29.51 -8.58
C LEU B 58 -22.24 30.32 -9.25
N SER B 59 -22.29 31.63 -9.01
CA SER B 59 -23.35 32.45 -9.60
C SER B 59 -23.18 32.62 -11.11
N VAL B 60 -21.96 32.51 -11.62
CA VAL B 60 -21.71 32.65 -13.05
C VAL B 60 -21.63 31.26 -13.67
N LEU B 61 -22.05 30.23 -12.93
CA LEU B 61 -21.99 28.86 -13.43
C LEU B 61 -23.06 28.65 -14.49
N ARG B 62 -22.71 27.91 -15.54
CA ARG B 62 -23.70 27.38 -16.46
C ARG B 62 -23.60 25.87 -16.51
N LEU B 63 -24.73 25.20 -16.24
CA LEU B 63 -24.71 23.76 -16.04
C LEU B 63 -24.19 23.02 -17.26
N HIS B 64 -24.46 23.55 -18.47
CA HIS B 64 -24.05 22.87 -19.69
C HIS B 64 -22.54 22.90 -19.90
N ASN B 65 -21.78 23.71 -19.17
CA ASN B 65 -20.32 23.64 -19.31
C ASN B 65 -19.67 22.51 -18.52
N PHE B 66 -20.42 21.83 -17.64
CA PHE B 66 -19.87 20.64 -17.00
C PHE B 66 -19.79 19.50 -18.02
N SER B 67 -18.77 18.67 -17.88
CA SER B 67 -18.78 17.36 -18.51
C SER B 67 -18.36 16.35 -17.46
N ILE B 68 -19.28 15.48 -17.07
CA ILE B 68 -19.01 14.46 -16.07
C ILE B 68 -19.18 13.11 -16.76
N SER B 69 -18.17 12.25 -16.63
CA SER B 69 -18.20 10.97 -17.31
C SER B 69 -17.72 9.85 -16.40
N SER B 70 -18.36 8.69 -16.55
CA SER B 70 -17.95 7.43 -15.94
C SER B 70 -17.44 6.58 -17.10
N GLY B 71 -16.12 6.49 -17.23
CA GLY B 71 -15.56 5.86 -18.40
C GLY B 71 -15.91 6.69 -19.62
N ASN B 72 -16.62 6.09 -20.56
CA ASN B 72 -17.06 6.79 -21.76
C ASN B 72 -18.55 7.12 -21.71
N VAL B 73 -19.18 6.97 -20.53
CA VAL B 73 -20.60 7.28 -20.31
C VAL B 73 -20.71 8.67 -19.68
N PHE B 74 -21.52 9.53 -20.28
CA PHE B 74 -21.56 10.93 -19.87
C PHE B 74 -22.82 11.19 -19.05
N LEU B 75 -22.67 11.88 -17.92
CA LEU B 75 -23.77 12.17 -17.03
C LEU B 75 -24.32 13.57 -17.30
N GLY B 76 -25.65 13.70 -17.29
CA GLY B 76 -26.27 14.99 -17.45
C GLY B 76 -26.43 15.69 -16.11
N VAL B 77 -26.04 16.95 -16.06
CA VAL B 77 -26.02 17.70 -14.81
C VAL B 77 -27.34 18.42 -14.61
N VAL B 78 -27.95 18.18 -13.46
CA VAL B 78 -29.28 18.68 -13.16
C VAL B 78 -29.22 19.92 -12.27
N GLY B 79 -28.30 19.93 -11.30
CA GLY B 79 -28.16 21.07 -10.41
C GLY B 79 -26.84 20.98 -9.67
N VAL B 80 -26.47 22.12 -9.06
CA VAL B 80 -25.23 22.20 -8.30
C VAL B 80 -25.53 22.96 -7.02
N THR B 81 -25.00 22.45 -5.90
CA THR B 81 -25.05 23.17 -4.64
C THR B 81 -23.67 23.15 -4.01
N MET B 82 -23.34 24.25 -3.34
CA MET B 82 -22.12 24.36 -2.56
C MET B 82 -22.24 23.56 -1.27
N ARG B 83 -21.19 22.85 -0.90
CA ARG B 83 -21.21 22.09 0.35
C ARG B 83 -19.83 22.26 0.98
N GLY B 84 -19.66 23.37 1.68
CA GLY B 84 -18.33 23.64 2.25
C GLY B 84 -17.33 23.76 1.12
N ALA B 85 -16.24 22.99 1.19
CA ALA B 85 -15.23 22.98 0.14
C ALA B 85 -15.54 22.02 -1.01
N LEU B 86 -16.75 21.47 -1.05
CA LEU B 86 -17.18 20.58 -2.11
C LEU B 86 -18.31 21.23 -2.89
N LEU B 87 -18.52 20.72 -4.10
CA LEU B 87 -19.78 20.85 -4.84
C LEU B 87 -20.55 19.54 -4.75
N GLN B 88 -21.85 19.65 -4.59
CA GLN B 88 -22.74 18.51 -4.68
C GLN B 88 -23.45 18.69 -6.01
N ILE B 89 -23.14 17.85 -6.98
CA ILE B 89 -23.68 17.97 -8.33
C ILE B 89 -24.75 16.91 -8.50
N LYS B 90 -25.99 17.34 -8.72
CA LYS B 90 -27.06 16.41 -8.99
C LYS B 90 -27.01 16.01 -10.46
N VAL B 91 -27.02 14.71 -10.73
CA VAL B 91 -26.94 14.21 -12.09
C VAL B 91 -28.22 13.45 -12.40
N ASN B 92 -28.46 13.20 -13.69
CA ASN B 92 -29.71 12.57 -14.14
C ASN B 92 -29.71 11.05 -14.08
N GLN B 93 -28.63 10.43 -13.62
CA GLN B 93 -28.48 8.97 -13.64
C GLN B 93 -28.08 8.48 -12.25
N ASN B 94 -28.73 7.42 -11.80
CA ASN B 94 -28.30 6.73 -10.58
C ASN B 94 -27.12 5.80 -10.84
N ASN B 95 -26.11 5.85 -9.97
CA ASN B 95 -25.01 4.89 -10.02
C ASN B 95 -25.50 3.53 -9.52
N VAL B 96 -25.70 2.59 -10.44
CA VAL B 96 -26.20 1.27 -10.07
C VAL B 96 -25.21 0.52 -9.18
N HIS B 97 -23.93 0.93 -9.18
CA HIS B 97 -22.91 0.28 -8.35
C HIS B 97 -22.66 0.99 -7.02
N THR B 98 -23.55 1.88 -6.60
CA THR B 98 -23.40 2.54 -5.31
C THR B 98 -23.33 1.52 -4.18
N PRO B 99 -22.23 1.44 -3.43
CA PRO B 99 -22.20 0.55 -2.25
C PRO B 99 -23.06 1.12 -1.14
N LYS B 100 -23.33 0.29 -0.14
CA LYS B 100 -23.82 0.84 1.11
C LYS B 100 -22.71 1.71 1.67
N TYR B 101 -23.05 2.92 2.13
CA TYR B 101 -21.99 3.82 2.55
C TYR B 101 -22.47 4.76 3.65
N THR B 102 -21.50 5.29 4.38
CA THR B 102 -21.68 6.36 5.34
C THR B 102 -20.55 7.37 5.16
N TYR B 103 -20.69 8.50 5.85
CA TYR B 103 -19.64 9.51 5.97
C TYR B 103 -19.09 9.49 7.38
N ARG B 104 -17.78 9.67 7.53
CA ARG B 104 -17.23 9.86 8.86
C ARG B 104 -15.99 10.71 8.79
N THR B 105 -15.89 11.65 9.71
CA THR B 105 -14.71 12.49 9.81
C THR B 105 -13.65 11.77 10.64
N VAL B 106 -12.45 11.64 10.09
CA VAL B 106 -11.40 10.90 10.78
C VAL B 106 -10.65 11.84 11.72
N ARG B 107 -10.07 11.28 12.75
CA ARG B 107 -9.33 12.03 13.74
C ARG B 107 -7.82 11.74 13.64
N PRO B 108 -6.96 12.62 14.16
CA PRO B 108 -5.52 12.35 14.13
C PRO B 108 -5.20 10.97 14.67
N GLY B 109 -4.32 10.25 13.97
CA GLY B 109 -3.91 8.92 14.35
C GLY B 109 -4.66 7.80 13.67
N GLU B 110 -5.81 8.07 13.07
CA GLU B 110 -6.63 7.03 12.46
C GLU B 110 -6.15 6.70 11.05
N SER B 111 -6.24 5.43 10.68
CA SER B 111 -5.85 4.98 9.35
C SER B 111 -7.04 4.94 8.40
N PHE B 112 -6.76 5.20 7.13
CA PHE B 112 -7.75 4.96 6.09
C PHE B 112 -7.02 4.71 4.78
N ASN B 113 -7.79 4.51 3.73
CA ASN B 113 -7.24 4.13 2.43
C ASN B 113 -7.42 5.27 1.46
N ILE B 114 -6.42 5.53 0.65
CA ILE B 114 -6.54 6.48 -0.45
C ILE B 114 -6.66 5.70 -1.75
N LEU B 115 -7.62 6.06 -2.57
CA LEU B 115 -7.73 5.60 -3.95
C LEU B 115 -7.29 6.78 -4.80
N ALA B 116 -6.05 6.75 -5.29
CA ALA B 116 -5.55 7.88 -6.07
C ALA B 116 -6.12 7.79 -7.46
N CYS B 117 -6.76 8.88 -7.93
CA CYS B 117 -7.44 8.89 -9.21
C CYS B 117 -6.94 10.02 -10.09
N TYR B 118 -6.92 9.76 -11.40
CA TYR B 118 -6.58 10.75 -12.42
C TYR B 118 -7.53 10.52 -13.58
N ASP B 119 -8.09 11.61 -14.11
CA ASP B 119 -8.97 11.54 -15.27
C ASP B 119 -10.20 10.67 -14.99
N GLY B 120 -10.65 10.67 -13.72
CA GLY B 120 -11.82 9.89 -13.37
C GLY B 120 -11.60 8.39 -13.31
N ALA B 121 -10.35 7.93 -13.26
CA ALA B 121 -10.07 6.50 -13.12
C ALA B 121 -9.06 6.28 -12.00
N ALA B 122 -9.29 5.26 -11.18
CA ALA B 122 -8.37 4.92 -10.12
C ALA B 122 -7.03 4.49 -10.72
N ALA B 123 -5.94 4.97 -10.13
CA ALA B 123 -4.60 4.63 -10.57
C ALA B 123 -3.81 3.83 -9.55
N GLY B 124 -4.11 4.01 -8.26
CA GLY B 124 -3.30 3.40 -7.23
C GLY B 124 -4.10 3.42 -5.94
N VAL B 125 -3.74 2.53 -5.03
CA VAL B 125 -4.41 2.46 -3.73
C VAL B 125 -3.32 2.26 -2.67
N TYR B 126 -3.42 3.01 -1.58
CA TYR B 126 -2.46 2.86 -0.50
C TYR B 126 -3.08 3.34 0.82
N GLY B 127 -2.60 2.76 1.93
CA GLY B 127 -3.11 3.14 3.22
C GLY B 127 -2.35 4.35 3.76
N VAL B 128 -3.07 5.21 4.48
CA VAL B 128 -2.52 6.42 5.06
C VAL B 128 -2.97 6.54 6.51
N ASN B 129 -2.45 7.57 7.16
CA ASN B 129 -2.76 7.83 8.60
C ASN B 129 -2.85 9.35 8.78
N MET B 130 -3.98 9.83 9.30
CA MET B 130 -4.18 11.27 9.54
C MET B 130 -3.16 11.72 10.60
N ARG B 131 -2.42 12.78 10.30
CA ARG B 131 -1.39 13.26 11.24
C ARG B 131 -1.97 14.30 12.22
N SER B 132 -1.19 14.65 13.24
CA SER B 132 -1.60 15.61 14.28
C SER B 132 -1.90 16.98 13.65
N ASN B 133 -1.23 17.31 12.55
CA ASN B 133 -1.45 18.60 11.84
C ASN B 133 -2.53 18.43 10.77
N TYR B 134 -3.29 17.35 10.82
CA TYR B 134 -4.41 17.12 9.86
C TYR B 134 -3.90 17.04 8.41
N THR B 135 -2.68 16.56 8.21
CA THR B 135 -2.18 16.31 6.84
C THR B 135 -1.97 14.82 6.70
N ILE B 136 -1.86 14.33 5.47
CA ILE B 136 -1.54 12.90 5.25
C ILE B 136 -0.26 12.81 4.41
N ARG B 137 0.56 11.81 4.69
CA ARG B 137 1.79 11.57 3.90
C ARG B 137 1.37 10.76 2.67
N GLY B 138 1.06 11.45 1.61
CA GLY B 138 0.58 10.72 0.44
C GLY B 138 1.44 10.89 -0.78
N SER B 139 0.87 10.57 -1.92
CA SER B 139 1.53 10.72 -3.21
C SER B 139 0.45 11.13 -4.19
N PHE B 140 0.41 12.43 -4.50
CA PHE B 140 -0.58 13.03 -5.38
C PHE B 140 0.11 14.04 -6.27
N ILE B 141 -0.24 14.05 -7.54
CA ILE B 141 0.17 15.08 -8.49
C ILE B 141 -1.07 15.79 -9.02
N ASN B 142 -0.84 16.86 -9.76
CA ASN B 142 -1.94 17.62 -10.36
C ASN B 142 -2.86 16.68 -11.14
N GLY B 143 -4.16 16.87 -10.95
CA GLY B 143 -5.15 15.94 -11.45
C GLY B 143 -5.76 15.04 -10.39
N ALA B 144 -5.18 14.98 -9.19
CA ALA B 144 -5.58 14.01 -8.18
C ALA B 144 -6.69 14.51 -7.24
N ALA B 145 -7.04 15.80 -7.28
CA ALA B 145 -8.09 16.30 -6.42
C ALA B 145 -9.40 15.55 -6.68
N GLY B 146 -10.18 15.34 -5.61
CA GLY B 146 -11.31 14.46 -5.67
C GLY B 146 -11.01 13.01 -5.38
N SER B 147 -9.74 12.61 -5.33
CA SER B 147 -9.40 11.24 -4.96
C SER B 147 -9.96 10.94 -3.58
N PRO B 148 -10.69 9.84 -3.41
CA PRO B 148 -11.36 9.61 -2.15
C PRO B 148 -10.55 8.80 -1.15
N GLY B 149 -10.83 9.04 0.12
CA GLY B 149 -10.32 8.24 1.21
C GLY B 149 -11.50 7.50 1.84
N TYR B 150 -11.27 6.26 2.25
CA TYR B 150 -12.36 5.39 2.68
C TYR B 150 -11.82 4.34 3.66
N ASN B 151 -12.74 3.83 4.47
CA ASN B 151 -12.55 2.56 5.16
C ASN B 151 -13.71 1.65 4.81
N ILE B 152 -13.49 0.34 4.90
CA ILE B 152 -14.54 -0.64 4.70
C ILE B 152 -14.78 -1.37 6.01
N ASN B 153 -16.01 -1.32 6.51
CA ASN B 153 -16.37 -1.87 7.82
C ASN B 153 -17.64 -2.71 7.65
N ASN B 154 -17.49 -4.04 7.62
CA ASN B 154 -18.63 -4.97 7.56
C ASN B 154 -19.49 -4.72 6.31
N GLY B 155 -18.82 -4.58 5.16
CA GLY B 155 -19.51 -4.36 3.90
C GLY B 155 -19.97 -2.93 3.63
N THR B 156 -19.88 -2.02 4.60
CA THR B 156 -20.24 -0.62 4.40
C THR B 156 -18.98 0.19 4.15
N VAL B 157 -19.02 1.03 3.11
CA VAL B 157 -17.91 1.93 2.81
C VAL B 157 -18.07 3.21 3.62
N GLU B 158 -17.08 3.54 4.43
CA GLU B 158 -17.10 4.81 5.16
C GLU B 158 -16.21 5.79 4.40
N PHE B 159 -16.81 6.81 3.79
CA PHE B 159 -16.04 7.82 3.09
C PHE B 159 -15.59 8.90 4.06
N CYS B 160 -14.28 9.15 4.11
CA CYS B 160 -13.75 10.12 5.04
C CYS B 160 -12.90 11.23 4.44
N TYR B 161 -12.67 11.24 3.13
CA TYR B 161 -11.67 12.15 2.58
C TYR B 161 -11.92 12.32 1.10
N LEU B 162 -11.90 13.56 0.62
CA LEU B 162 -11.70 13.88 -0.78
C LEU B 162 -10.49 14.80 -0.90
N HIS B 163 -9.58 14.46 -1.80
CA HIS B 163 -8.32 15.19 -1.86
C HIS B 163 -8.53 16.60 -2.38
N GLN B 164 -7.86 17.56 -1.78
CA GLN B 164 -8.06 18.98 -2.19
C GLN B 164 -6.75 19.65 -2.62
N LEU B 165 -5.71 19.59 -1.78
CA LEU B 165 -4.50 20.39 -2.10
C LEU B 165 -3.22 19.81 -1.52
N GLU B 166 -2.09 20.31 -2.01
CA GLU B 166 -0.77 19.92 -1.46
C GLU B 166 -0.15 21.18 -0.83
N LEU B 167 0.22 21.10 0.43
CA LEU B 167 0.77 22.27 1.14
C LEU B 167 2.29 22.31 0.93
N GLY B 168 2.90 21.14 0.84
CA GLY B 168 4.37 21.05 0.67
C GLY B 168 4.74 19.66 0.25
N SER B 169 6.03 19.40 0.06
CA SER B 169 6.45 18.08 -0.47
C SER B 169 5.83 16.96 0.37
N GLY B 170 4.96 16.17 -0.23
CA GLY B 170 4.36 15.05 0.45
C GLY B 170 3.42 15.37 1.59
N CYS B 171 2.99 16.65 1.77
CA CYS B 171 1.99 17.01 2.78
C CYS B 171 0.69 17.37 2.06
N HIS B 172 -0.33 16.56 2.28
CA HIS B 172 -1.56 16.64 1.52
C HIS B 172 -2.74 16.90 2.41
N VAL B 173 -3.69 17.67 1.89
CA VAL B 173 -4.86 18.12 2.64
C VAL B 173 -6.12 17.79 1.84
N GLY B 174 -7.15 17.30 2.54
CA GLY B 174 -8.45 17.08 1.93
C GLY B 174 -9.56 17.62 2.81
N SER B 175 -10.78 17.50 2.32
CA SER B 175 -11.96 17.77 3.12
C SER B 175 -12.64 16.46 3.45
N ASP B 176 -13.45 16.47 4.52
CA ASP B 176 -14.34 15.33 4.73
C ASP B 176 -15.52 15.49 3.76
N LEU B 177 -16.42 14.52 3.75
CA LEU B 177 -17.50 14.54 2.76
C LEU B 177 -18.62 15.51 3.11
N ASP B 178 -18.60 16.11 4.29
CA ASP B 178 -19.44 17.25 4.60
C ASP B 178 -18.86 18.55 4.05
N GLY B 179 -17.66 18.50 3.48
CA GLY B 179 -16.99 19.68 2.96
C GLY B 179 -16.22 20.51 3.97
N VAL B 180 -15.95 19.98 5.15
CA VAL B 180 -15.11 20.64 6.14
C VAL B 180 -13.66 20.25 5.85
N MET B 181 -12.82 21.24 5.61
CA MET B 181 -11.41 20.93 5.35
C MET B 181 -10.77 20.41 6.63
N TYR B 182 -10.05 19.28 6.53
CA TYR B 182 -9.26 18.82 7.66
C TYR B 182 -8.26 19.90 8.07
N GLY B 183 -8.13 20.11 9.37
CA GLY B 183 -7.17 21.06 9.88
C GLY B 183 -7.54 22.51 9.65
N GLY B 184 -8.69 22.80 9.04
CA GLY B 184 -9.07 24.16 8.76
C GLY B 184 -8.21 24.87 7.74
N TYR B 185 -7.43 24.15 6.93
CA TYR B 185 -6.73 24.82 5.85
C TYR B 185 -7.74 25.32 4.81
N GLU B 186 -7.33 26.32 4.06
CA GLU B 186 -8.20 26.97 3.09
C GLU B 186 -7.93 26.39 1.71
N ASP B 187 -8.99 26.19 0.93
CA ASP B 187 -8.82 25.78 -0.47
C ASP B 187 -8.64 27.02 -1.36
N GLN B 188 -7.60 27.78 -1.03
CA GLN B 188 -7.19 29.00 -1.69
C GLN B 188 -5.75 28.84 -2.19
N PRO B 189 -5.36 29.54 -3.25
CA PRO B 189 -3.96 29.49 -3.68
C PRO B 189 -3.03 30.34 -2.82
N THR B 190 -3.53 30.96 -1.76
CA THR B 190 -2.78 31.92 -0.98
C THR B 190 -1.85 31.21 0.02
N LEU B 191 -0.97 31.99 0.63
CA LEU B 191 0.08 31.45 1.49
C LEU B 191 -0.50 30.86 2.77
N GLN B 192 -0.18 29.60 3.04
CA GLN B 192 -0.40 28.99 4.36
C GLN B 192 0.60 27.85 4.54
N VAL B 193 1.06 27.68 5.78
CA VAL B 193 2.02 26.64 6.14
C VAL B 193 1.32 25.67 7.08
N GLU B 194 1.75 24.42 7.11
CA GLU B 194 1.07 23.46 7.97
C GLU B 194 1.58 23.60 9.40
N GLY B 195 0.70 23.26 10.33
CA GLY B 195 1.09 23.09 11.72
C GLY B 195 2.24 22.10 11.85
N ALA B 196 2.84 22.13 13.03
CA ALA B 196 4.02 21.30 13.27
C ALA B 196 3.65 19.83 13.21
N SER B 197 4.49 19.04 12.55
CA SER B 197 4.27 17.61 12.47
C SER B 197 4.92 16.93 13.66
N SER B 198 4.15 16.13 14.39
CA SER B 198 4.65 15.31 15.49
C SER B 198 4.31 13.86 15.23
N LEU B 199 5.17 12.97 15.68
CA LEU B 199 4.89 11.55 15.55
C LEU B 199 3.75 11.19 16.49
N PHE B 200 2.80 10.42 15.97
CA PHE B 200 1.66 9.99 16.76
C PHE B 200 2.04 8.82 17.66
N THR B 201 2.17 9.10 18.95
CA THR B 201 2.87 8.18 19.84
C THR B 201 2.10 6.89 20.03
N GLU B 202 0.78 6.98 20.16
CA GLU B 202 -0.02 5.76 20.33
C GLU B 202 0.16 4.80 19.17
N ASN B 203 0.40 5.32 17.97
CA ASN B 203 0.70 4.42 16.85
C ASN B 203 2.11 3.86 16.97
N VAL B 204 3.07 4.62 17.51
CA VAL B 204 4.41 4.06 17.68
C VAL B 204 4.35 2.91 18.68
N LEU B 205 3.52 3.04 19.72
CA LEU B 205 3.39 1.96 20.70
C LEU B 205 2.82 0.71 20.05
N ALA B 206 1.80 0.85 19.22
CA ALA B 206 1.28 -0.30 18.48
C ALA B 206 2.39 -0.95 17.67
N PHE B 207 3.16 -0.13 16.95
CA PHE B 207 4.22 -0.66 16.09
C PHE B 207 5.27 -1.38 16.92
N LEU B 208 5.62 -0.83 18.09
CA LEU B 208 6.64 -1.48 18.94
C LEU B 208 6.13 -2.80 19.49
N TYR B 209 4.84 -2.89 19.86
CA TYR B 209 4.28 -4.18 20.25
C TYR B 209 4.28 -5.16 19.09
N ALA B 210 3.98 -4.70 17.89
CA ALA B 210 4.06 -5.58 16.73
C ALA B 210 5.49 -6.12 16.57
N ALA B 211 6.47 -5.23 16.72
CA ALA B 211 7.88 -5.64 16.67
C ALA B 211 8.17 -6.73 17.70
N LEU B 212 7.75 -6.52 18.96
CA LEU B 212 7.97 -7.55 19.97
C LEU B 212 7.37 -8.88 19.53
N ILE B 213 6.14 -8.84 19.01
CA ILE B 213 5.44 -10.07 18.63
C ILE B 213 6.18 -10.77 17.50
N ASN B 214 6.83 -10.02 16.62
CA ASN B 214 7.58 -10.57 15.49
C ASN B 214 9.05 -10.86 15.82
N GLY B 215 9.44 -10.79 17.09
CA GLY B 215 10.77 -11.19 17.48
C GLY B 215 11.82 -10.10 17.48
N SER B 216 11.43 -8.82 17.50
CA SER B 216 12.38 -7.70 17.51
C SER B 216 12.42 -7.12 18.93
N THR B 217 13.56 -7.26 19.62
CA THR B 217 13.68 -6.83 21.01
C THR B 217 14.93 -6.01 21.32
N TRP B 218 15.80 -5.79 20.34
CA TRP B 218 17.08 -5.14 20.62
C TRP B 218 16.90 -3.74 21.22
N TRP B 219 15.78 -3.10 20.90
CA TRP B 219 15.49 -1.71 21.26
C TRP B 219 14.81 -1.59 22.61
N LEU B 220 14.47 -2.70 23.26
CA LEU B 220 13.57 -2.68 24.41
C LEU B 220 14.29 -2.20 25.66
N SER B 221 13.88 -1.04 26.17
CA SER B 221 14.47 -0.53 27.39
C SER B 221 14.06 -1.36 28.60
N SER B 222 14.96 -1.45 29.56
CA SER B 222 14.60 -1.99 30.86
C SER B 222 14.18 -0.91 31.82
N SER B 223 14.29 0.36 31.42
CA SER B 223 13.78 1.49 32.17
C SER B 223 12.26 1.60 31.97
N ARG B 224 11.66 2.56 32.64
CA ARG B 224 10.21 2.65 32.69
C ARG B 224 9.85 4.08 33.05
N ILE B 225 8.81 4.63 32.43
CA ILE B 225 8.43 6.04 32.63
C ILE B 225 6.92 6.19 32.57
N ALA B 226 6.39 7.01 33.47
CA ALA B 226 4.95 7.16 33.63
C ALA B 226 4.35 7.99 32.50
N VAL B 227 3.09 7.71 32.18
CA VAL B 227 2.48 8.34 31.02
C VAL B 227 2.47 9.84 31.21
N ASP B 228 2.18 10.26 32.43
CA ASP B 228 2.21 11.69 32.77
C ASP B 228 3.51 12.37 32.39
N ARG B 229 4.62 11.81 32.87
CA ARG B 229 5.93 12.38 32.63
C ARG B 229 6.33 12.32 31.15
N PHE B 230 6.03 11.21 30.49
CA PHE B 230 6.36 11.10 29.07
C PHE B 230 5.68 12.20 28.25
N ASN B 231 4.41 12.49 28.55
CA ASN B 231 3.70 13.49 27.77
C ASN B 231 4.35 14.85 27.88
N GLU B 232 4.85 15.19 29.09
CA GLU B 232 5.63 16.40 29.25
C GLU B 232 6.77 16.44 28.26
N TRP B 233 7.49 15.32 28.15
CA TRP B 233 8.66 15.27 27.26
C TRP B 233 8.26 15.27 25.79
N ALA B 234 7.16 14.58 25.45
CA ALA B 234 6.79 14.42 24.04
C ALA B 234 6.53 15.77 23.36
N VAL B 235 5.77 16.64 24.02
CA VAL B 235 5.44 17.93 23.42
C VAL B 235 6.65 18.84 23.25
N HIS B 236 7.83 18.45 23.76
CA HIS B 236 9.07 19.16 23.48
C HIS B 236 9.97 18.42 22.51
N ASN B 237 9.54 17.24 22.03
CA ASN B 237 10.40 16.36 21.26
C ASN B 237 9.67 15.77 20.05
N GLY B 238 8.67 16.48 19.53
CA GLY B 238 8.03 16.13 18.28
C GLY B 238 7.18 14.89 18.34
N MET B 239 6.48 14.67 19.45
CA MET B 239 5.66 13.48 19.64
C MET B 239 4.37 13.89 20.32
N THR B 240 3.28 13.20 19.99
CA THR B 240 2.00 13.53 20.60
C THR B 240 1.92 12.92 21.99
N THR B 241 0.97 13.43 22.78
CA THR B 241 0.72 12.86 24.11
C THR B 241 -0.01 11.54 23.98
N VAL B 242 0.16 10.71 25.02
CA VAL B 242 -0.56 9.41 25.09
C VAL B 242 -1.77 9.62 25.99
N VAL B 243 -2.96 9.30 25.49
CA VAL B 243 -4.23 9.50 26.24
C VAL B 243 -4.89 8.14 26.47
N ASN B 244 -4.90 7.27 25.45
CA ASN B 244 -5.46 5.90 25.62
C ASN B 244 -4.33 4.88 25.87
N THR B 245 -4.51 3.98 26.83
CA THR B 245 -3.51 2.94 27.16
C THR B 245 -4.24 1.63 27.26
N ASP B 246 -5.45 1.66 27.76
CA ASP B 246 -6.37 0.52 27.88
C ASP B 246 -6.45 -0.31 26.60
N CYS B 247 -6.34 0.33 25.45
CA CYS B 247 -6.22 -0.37 24.18
C CYS B 247 -4.97 -1.26 24.06
N PHE B 248 -3.99 -1.13 24.96
CA PHE B 248 -2.75 -1.89 24.87
C PHE B 248 -2.68 -3.07 25.83
N SER B 249 -3.71 -3.30 26.65
CA SER B 249 -3.63 -4.37 27.64
C SER B 249 -3.53 -5.75 26.98
N ILE B 250 -4.17 -5.93 25.82
CA ILE B 250 -4.01 -7.18 25.06
C ILE B 250 -2.55 -7.44 24.71
N PHE B 251 -1.83 -6.40 24.28
CA PHE B 251 -0.44 -6.56 23.88
C PHE B 251 0.47 -6.75 25.09
N ALA B 252 0.28 -5.92 26.12
CA ALA B 252 1.06 -6.07 27.35
C ALA B 252 0.96 -7.50 27.88
N ALA B 253 -0.21 -8.12 27.74
CA ALA B 253 -0.42 -9.46 28.24
C ALA B 253 0.23 -10.51 27.34
N LYS B 254 0.13 -10.33 26.01
CA LYS B 254 0.81 -11.27 25.13
C LYS B 254 2.34 -11.17 25.22
N THR B 255 2.88 -9.97 25.48
CA THR B 255 4.32 -9.78 25.44
C THR B 255 4.98 -9.77 26.81
N GLY B 256 4.24 -9.43 27.87
CA GLY B 256 4.84 -9.23 29.17
C GLY B 256 5.41 -7.85 29.39
N VAL B 257 5.24 -6.94 28.44
CA VAL B 257 5.90 -5.64 28.44
C VAL B 257 4.82 -4.58 28.59
N ASP B 258 4.95 -3.73 29.61
CA ASP B 258 3.91 -2.75 29.79
C ASP B 258 4.25 -1.48 29.03
N VAL B 259 3.23 -0.62 28.90
CA VAL B 259 3.36 0.60 28.11
C VAL B 259 4.50 1.46 28.64
N GLN B 260 4.70 1.46 29.96
CA GLN B 260 5.69 2.34 30.56
C GLN B 260 7.11 1.99 30.09
N ARG B 261 7.40 0.70 29.91
CA ARG B 261 8.70 0.32 29.32
C ARG B 261 8.80 0.74 27.86
N LEU B 262 7.68 0.70 27.13
CA LEU B 262 7.77 1.11 25.73
C LEU B 262 8.01 2.61 25.63
N LEU B 263 7.48 3.39 26.55
CA LEU B 263 7.70 4.83 26.51
C LEU B 263 9.15 5.15 26.79
N ALA B 264 9.74 4.43 27.75
CA ALA B 264 11.18 4.55 27.99
C ALA B 264 11.97 4.19 26.75
N SER B 265 11.58 3.11 26.07
CA SER B 265 12.26 2.73 24.84
C SER B 265 12.15 3.83 23.79
N ILE B 266 10.98 4.45 23.67
CA ILE B 266 10.81 5.51 22.69
C ILE B 266 11.76 6.66 22.98
N GLN B 267 11.88 7.03 24.26
CA GLN B 267 12.82 8.09 24.60
C GLN B 267 14.24 7.72 24.15
N SER B 268 14.66 6.48 24.39
CA SER B 268 16.02 6.07 24.03
C SER B 268 16.22 5.93 22.53
N LEU B 269 15.18 5.54 21.79
CA LEU B 269 15.30 5.46 20.34
C LEU B 269 15.37 6.85 19.72
N HIS B 270 14.68 7.81 20.34
CA HIS B 270 14.74 9.18 19.86
C HIS B 270 16.15 9.76 19.99
N LYS B 271 17.01 9.16 20.82
CA LYS B 271 18.40 9.62 20.91
C LYS B 271 19.24 9.09 19.76
N ASN B 272 19.55 7.78 19.77
CA ASN B 272 20.30 7.16 18.67
C ASN B 272 19.41 6.92 17.47
N PHE B 273 18.71 7.96 17.02
CA PHE B 273 17.67 7.82 16.02
C PHE B 273 18.28 7.52 14.66
N GLY B 274 18.04 6.31 14.14
CA GLY B 274 18.62 5.87 12.90
C GLY B 274 19.66 4.79 13.05
N GLY B 275 20.03 4.41 14.27
CA GLY B 275 21.14 3.49 14.45
C GLY B 275 20.82 2.07 14.05
N LYS B 276 19.53 1.74 13.93
CA LYS B 276 19.13 0.40 13.59
C LYS B 276 17.64 0.43 13.27
N GLN B 277 17.25 -0.44 12.36
CA GLN B 277 15.86 -0.48 11.91
C GLN B 277 15.08 -1.41 12.82
N ILE B 278 13.76 -1.28 12.79
CA ILE B 278 12.89 -2.18 13.51
C ILE B 278 11.95 -2.82 12.51
N LEU B 279 12.03 -4.15 12.39
CA LEU B 279 11.28 -4.91 11.37
C LEU B 279 11.51 -4.34 9.98
N GLY B 280 12.70 -3.80 9.74
CA GLY B 280 12.97 -3.15 8.46
C GLY B 280 12.43 -1.74 8.32
N TYR B 281 11.76 -1.19 9.35
CA TYR B 281 11.22 0.15 9.35
C TYR B 281 12.06 1.09 10.23
N THR B 282 11.95 2.39 9.94
CA THR B 282 12.40 3.41 10.87
C THR B 282 11.83 3.11 12.26
N SER B 283 12.69 3.24 13.28
CA SER B 283 12.34 2.74 14.61
C SER B 283 11.08 3.39 15.18
N LEU B 284 10.82 4.67 14.85
CA LEU B 284 9.69 5.41 15.39
C LEU B 284 8.53 5.54 14.38
N THR B 285 8.20 4.46 13.67
CA THR B 285 7.16 4.51 12.65
C THR B 285 5.79 4.71 13.32
N ASP B 286 5.00 5.67 12.83
CA ASP B 286 3.71 5.99 13.44
C ASP B 286 2.51 5.75 12.51
N GLU B 287 2.67 4.99 11.43
CA GLU B 287 1.54 4.83 10.51
C GLU B 287 0.66 3.62 10.83
N PHE B 288 1.00 2.81 11.83
CA PHE B 288 0.23 1.61 12.15
C PHE B 288 -0.58 1.81 13.42
N THR B 289 -1.88 1.55 13.35
CA THR B 289 -2.72 1.64 14.53
C THR B 289 -2.79 0.28 15.24
N THR B 290 -3.34 0.26 16.45
CA THR B 290 -3.53 -1.02 17.13
C THR B 290 -4.47 -1.95 16.34
N GLY B 291 -5.46 -1.37 15.66
CA GLY B 291 -6.36 -2.19 14.86
C GLY B 291 -5.65 -2.89 13.72
N GLU B 292 -4.80 -2.14 13.00
CA GLU B 292 -4.05 -2.71 11.89
C GLU B 292 -3.13 -3.82 12.36
N VAL B 293 -2.46 -3.61 13.49
CA VAL B 293 -1.54 -4.60 14.00
C VAL B 293 -2.28 -5.88 14.38
N ILE B 294 -3.43 -5.73 15.06
CA ILE B 294 -4.19 -6.91 15.48
C ILE B 294 -4.68 -7.68 14.26
N ARG B 295 -5.21 -6.96 13.28
CA ARG B 295 -5.64 -7.60 12.04
C ARG B 295 -4.51 -8.36 11.38
N GLN B 296 -3.31 -7.80 11.34
CA GLN B 296 -2.24 -8.49 10.63
C GLN B 296 -1.62 -9.62 11.44
N MET B 297 -1.51 -9.48 12.76
CA MET B 297 -0.88 -10.56 13.52
C MET B 297 -1.81 -11.72 13.74
N TYR B 298 -3.12 -11.48 13.89
CA TYR B 298 -4.04 -12.52 14.30
C TYR B 298 -5.28 -12.69 13.43
N GLY B 299 -5.59 -11.77 12.52
CA GLY B 299 -6.81 -11.85 11.76
C GLY B 299 -8.07 -11.39 12.47
N VAL B 300 -7.94 -10.83 13.68
CA VAL B 300 -9.07 -10.40 14.50
C VAL B 300 -9.44 -8.95 14.20
N TYR C 2 11.86 -24.40 9.65
CA TYR C 2 10.96 -23.22 9.58
C TYR C 2 9.96 -23.37 8.47
N PRO C 3 10.33 -23.59 7.18
CA PRO C 3 9.36 -23.57 6.10
C PRO C 3 7.94 -23.77 6.66
N GLN C 4 7.19 -22.68 6.78
CA GLN C 4 5.78 -22.79 7.24
C GLN C 4 4.87 -22.68 6.01
N LEU C 5 4.25 -23.80 5.63
CA LEU C 5 3.32 -23.80 4.47
C LEU C 5 2.08 -23.02 4.92
N GLN C 6 1.76 -21.94 4.22
CA GLN C 6 0.65 -21.07 4.69
C GLN C 6 -0.64 -21.35 3.90
N TYR D 2 2.03 29.23 -1.67
CA TYR D 2 2.54 27.86 -1.37
C TYR D 2 1.50 26.82 -1.79
N PRO D 3 0.29 26.74 -1.19
CA PRO D 3 -0.66 25.69 -1.54
C PRO D 3 -0.88 25.46 -3.01
N GLN D 4 -0.74 24.21 -3.45
CA GLN D 4 -1.10 23.90 -4.86
C GLN D 4 -2.43 23.15 -4.85
N LEU D 5 -3.50 23.81 -5.29
CA LEU D 5 -4.81 23.14 -5.40
C LEU D 5 -4.64 22.06 -6.48
N GLN D 6 -4.86 20.80 -6.16
CA GLN D 6 -4.53 19.72 -7.14
C GLN D 6 -5.79 19.23 -7.85
#